data_4LNZ
#
_entry.id   4LNZ
#
_cell.length_a   60.644
_cell.length_b   78.442
_cell.length_c   86.606
_cell.angle_alpha   90.00
_cell.angle_beta   90.00
_cell.angle_gamma   90.00
#
_symmetry.space_group_name_H-M   'P 21 21 2'
#
_entity_poly.entity_id   1
_entity_poly.type   'polypeptide(L)'
_entity_poly.pdbx_seq_one_letter_code
;GPLGSQRKEKDFQGMLEYHKEDEALLIRNLVTDLKPQMLSGTVPCLPAYILYMCIRHADYTNDDLKVHSLLTSTINGIKK
VLKKHNDDFEMTSFWLSNTCRLLHCLKQYSGDEGFMTQNTAKQNEHCLKNFDLTEYRQVLSDLSIQIYQQLIKIAEGVLQ
PMIVSAMLENESIQGLSGVKPTGYRKRSSSMADGDNSYCLEAIIRQMNAFHTVMCDQGLDPEIILQVFKQLFYMINAVTL
NNLLLRKDVCSWSTGMQLRYNISQLEEWLRGRNLHQSGAVQTMEPLIQAAQLLQLKKKTQEDAEAICSLCTSLSTQQIVK
ILNLYTPLNEFEERVTVAFIRTIQAQLQERNDPQQLLLDAKHMFPVLFPFNPSSLTMDSIHIPACLNLEFLNEV
;
_entity_poly.pdbx_strand_id   A
#
# COMPACT_ATOMS: atom_id res chain seq x y z
N LYS A 10 -0.56 -1.52 41.40
CA LYS A 10 -0.80 -2.92 41.75
C LYS A 10 0.01 -3.85 40.85
N ASP A 11 1.09 -3.33 40.29
CA ASP A 11 1.95 -4.11 39.40
C ASP A 11 1.28 -4.79 38.22
N PHE A 12 0.61 -4.00 37.40
CA PHE A 12 -0.09 -4.51 36.22
C PHE A 12 0.77 -5.35 35.31
N GLN A 13 0.47 -6.66 35.28
CA GLN A 13 0.88 -7.49 34.18
C GLN A 13 0.24 -6.89 32.92
N GLY A 14 0.72 -7.24 31.73
CA GLY A 14 0.11 -6.71 30.50
C GLY A 14 -1.17 -7.40 29.98
N MET A 15 -2.27 -7.26 30.71
CA MET A 15 -3.47 -8.09 30.52
C MET A 15 -4.76 -7.34 30.81
N LEU A 16 -5.86 -7.84 30.27
CA LEU A 16 -7.19 -7.26 30.49
C LEU A 16 -8.26 -8.30 30.32
N GLU A 17 -9.25 -8.27 31.20
CA GLU A 17 -10.31 -9.26 31.22
C GLU A 17 -11.64 -8.55 31.04
N TYR A 18 -12.55 -9.17 30.26
CA TYR A 18 -13.94 -8.75 30.19
C TYR A 18 -14.84 -9.91 30.68
N HIS A 19 -16.11 -9.60 30.96
CA HIS A 19 -17.01 -10.51 31.65
C HIS A 19 -17.56 -11.67 30.80
N LYS A 20 -16.85 -12.10 29.75
CA LYS A 20 -17.32 -13.24 28.93
C LYS A 20 -18.69 -12.91 28.35
N GLU A 21 -18.83 -11.69 27.87
CA GLU A 21 -20.07 -10.95 27.86
C GLU A 21 -19.59 -9.54 28.06
N ASP A 22 -20.09 -8.62 27.23
CA ASP A 22 -19.43 -7.33 26.98
C ASP A 22 -18.40 -7.59 25.88
N GLU A 23 -18.24 -8.84 25.48
CA GLU A 23 -17.37 -9.17 24.37
C GLU A 23 -17.89 -8.39 23.19
N ALA A 24 -19.20 -8.23 23.18
CA ALA A 24 -19.89 -7.51 22.12
C ALA A 24 -19.60 -6.06 22.31
N LEU A 25 -19.86 -5.62 23.56
CA LEU A 25 -19.65 -4.22 23.96
C LEU A 25 -18.20 -3.89 23.59
N LEU A 26 -17.28 -4.79 23.97
CA LEU A 26 -15.87 -4.54 23.75
C LEU A 26 -15.68 -4.28 22.27
N ILE A 27 -16.00 -5.26 21.45
CA ILE A 27 -15.74 -5.18 20.01
C ILE A 27 -16.44 -4.03 19.37
N ARG A 28 -17.44 -3.47 20.00
CA ARG A 28 -18.11 -2.35 19.37
C ARG A 28 -17.47 -1.04 19.70
N ASN A 29 -17.02 -0.89 20.93
CA ASN A 29 -16.46 0.39 21.33
C ASN A 29 -15.00 0.48 20.87
N LEU A 30 -14.43 -0.66 20.55
CA LEU A 30 -13.01 -0.73 20.26
C LEU A 30 -12.78 -0.96 18.79
N VAL A 31 -13.85 -1.08 18.03
CA VAL A 31 -13.72 -1.33 16.61
C VAL A 31 -14.79 -0.55 15.89
N THR A 32 -16.02 -0.98 16.08
CA THR A 32 -17.18 -0.46 15.37
C THR A 32 -17.36 1.03 15.54
N ASP A 33 -17.45 1.48 16.78
CA ASP A 33 -17.69 2.89 17.06
C ASP A 33 -16.42 3.62 17.29
N LEU A 34 -15.32 3.00 16.88
CA LEU A 34 -14.02 3.59 17.14
C LEU A 34 -13.69 4.36 15.88
N LYS A 35 -13.75 5.69 15.99
CA LYS A 35 -13.25 6.61 14.96
C LYS A 35 -11.81 6.88 15.28
N PRO A 36 -10.91 6.84 14.29
CA PRO A 36 -9.47 7.04 14.53
C PRO A 36 -9.08 8.45 14.94
N GLN A 37 -9.85 9.41 14.48
CA GLN A 37 -9.60 10.81 14.80
C GLN A 37 -9.82 10.95 16.32
N MET A 38 -9.47 9.94 17.11
CA MET A 38 -9.91 9.85 18.50
C MET A 38 -8.67 10.02 19.35
N LEU A 39 -7.51 10.06 18.66
CA LEU A 39 -6.11 10.13 19.21
C LEU A 39 -6.02 10.08 20.72
N SER A 40 -5.40 9.03 21.23
CA SER A 40 -4.44 8.25 20.43
C SER A 40 -3.40 9.16 19.75
N GLY A 41 -2.84 10.17 20.42
CA GLY A 41 -2.99 10.47 21.84
C GLY A 41 -2.42 9.41 22.78
N THR A 42 -2.08 8.24 22.22
CA THR A 42 -1.49 7.11 22.97
C THR A 42 -0.84 6.08 22.03
N VAL A 43 -1.55 5.61 21.02
CA VAL A 43 -1.05 4.55 20.15
C VAL A 43 -1.90 4.68 18.88
N PRO A 44 -1.27 4.70 17.71
CA PRO A 44 -2.01 4.76 16.46
C PRO A 44 -2.72 3.45 16.20
N CYS A 45 -2.32 2.46 16.98
CA CYS A 45 -2.86 1.13 16.88
C CYS A 45 -3.07 0.60 18.29
N LEU A 46 -3.55 1.46 19.19
CA LEU A 46 -3.95 1.02 20.53
C LEU A 46 -4.91 -0.17 20.40
N PRO A 47 -5.81 -0.11 19.43
CA PRO A 47 -6.78 -1.20 19.32
C PRO A 47 -6.10 -2.53 19.20
N ALA A 48 -5.09 -2.61 18.33
CA ALA A 48 -4.37 -3.84 18.12
C ALA A 48 -3.77 -4.38 19.40
N TYR A 49 -3.18 -3.50 20.19
CA TYR A 49 -2.50 -3.86 21.42
C TYR A 49 -3.56 -4.26 22.37
N ILE A 50 -4.46 -3.34 22.67
CA ILE A 50 -5.53 -3.59 23.63
C ILE A 50 -6.14 -4.98 23.44
N LEU A 51 -6.42 -5.38 22.20
CA LEU A 51 -6.91 -6.72 21.88
C LEU A 51 -5.99 -7.83 22.36
N TYR A 52 -4.72 -7.74 21.99
CA TYR A 52 -3.78 -8.75 22.44
C TYR A 52 -3.76 -8.85 23.97
N MET A 53 -3.94 -7.74 24.64
CA MET A 53 -3.92 -7.81 26.08
C MET A 53 -5.07 -8.67 26.53
N CYS A 54 -6.15 -8.71 25.74
CA CYS A 54 -7.29 -9.56 26.07
C CYS A 54 -7.04 -11.03 25.70
N ILE A 55 -6.42 -11.27 24.56
CA ILE A 55 -6.04 -12.59 24.16
C ILE A 55 -5.20 -13.19 25.25
N ARG A 56 -4.36 -12.37 25.85
CA ARG A 56 -3.46 -12.83 26.88
C ARG A 56 -4.21 -13.29 28.12
N HIS A 57 -5.22 -12.52 28.53
CA HIS A 57 -6.00 -12.85 29.72
C HIS A 57 -6.71 -14.17 29.50
N ALA A 58 -7.06 -14.43 28.24
CA ALA A 58 -7.75 -15.64 27.88
C ALA A 58 -6.80 -16.81 27.84
N ASP A 59 -5.58 -16.58 27.40
CA ASP A 59 -4.60 -17.65 27.48
C ASP A 59 -4.24 -17.98 28.90
N TYR A 60 -4.18 -16.97 29.75
CA TYR A 60 -3.93 -17.14 31.17
C TYR A 60 -4.96 -18.11 31.73
N THR A 61 -6.24 -17.80 31.58
CA THR A 61 -7.31 -18.65 32.08
C THR A 61 -7.54 -19.93 31.30
N ASN A 62 -6.82 -20.12 30.23
CA ASN A 62 -6.96 -21.33 29.42
C ASN A 62 -8.35 -21.47 28.76
N ASP A 63 -8.94 -20.33 28.40
CA ASP A 63 -10.33 -20.19 28.01
C ASP A 63 -10.38 -20.15 26.50
N ASP A 64 -10.22 -21.30 25.87
CA ASP A 64 -10.09 -21.34 24.41
C ASP A 64 -11.33 -20.81 23.73
N LEU A 65 -12.43 -20.82 24.44
CA LEU A 65 -13.65 -20.30 23.86
C LEU A 65 -13.63 -18.80 23.82
N LYS A 66 -13.02 -18.18 24.82
CA LYS A 66 -12.86 -16.72 24.87
C LYS A 66 -11.96 -16.19 23.73
N VAL A 67 -10.83 -16.86 23.45
CA VAL A 67 -9.95 -16.46 22.34
C VAL A 67 -10.68 -16.57 21.03
N HIS A 68 -11.12 -17.78 20.67
CA HIS A 68 -11.79 -18.00 19.40
C HIS A 68 -12.94 -17.04 19.13
N SER A 69 -13.72 -16.78 20.17
CA SER A 69 -14.82 -15.83 20.10
C SER A 69 -14.36 -14.38 19.96
N LEU A 70 -13.34 -13.99 20.77
CA LEU A 70 -12.78 -12.65 20.73
C LEU A 70 -12.21 -12.26 19.42
N LEU A 71 -11.42 -13.12 18.78
CA LEU A 71 -10.90 -12.69 17.49
C LEU A 71 -11.78 -13.04 16.30
N THR A 72 -12.84 -13.81 16.47
CA THR A 72 -13.78 -13.95 15.37
C THR A 72 -14.84 -12.84 15.48
N SER A 73 -15.22 -12.41 16.68
CA SER A 73 -16.06 -11.22 16.76
C SER A 73 -15.32 -10.04 16.13
N THR A 74 -14.05 -9.96 16.44
CA THR A 74 -13.19 -8.85 16.02
C THR A 74 -13.21 -8.78 14.49
N ILE A 75 -12.82 -9.88 13.84
CA ILE A 75 -12.71 -9.92 12.38
C ILE A 75 -14.06 -9.56 11.74
N ASN A 76 -15.14 -9.88 12.43
CA ASN A 76 -16.45 -9.56 11.97
C ASN A 76 -16.66 -8.04 12.07
N GLY A 77 -15.99 -7.40 13.00
CA GLY A 77 -16.18 -5.97 13.22
C GLY A 77 -15.31 -5.13 12.31
N ILE A 78 -14.10 -5.64 12.06
CA ILE A 78 -13.14 -4.99 11.16
C ILE A 78 -13.64 -5.03 9.74
N LYS A 79 -14.19 -6.22 9.38
CA LYS A 79 -14.82 -6.46 8.05
C LYS A 79 -16.07 -5.62 7.91
N LYS A 80 -16.87 -5.60 8.96
CA LYS A 80 -18.06 -4.79 8.98
C LYS A 80 -17.71 -3.35 8.65
N VAL A 81 -16.81 -2.76 9.45
CA VAL A 81 -16.57 -1.31 9.39
C VAL A 81 -15.85 -0.98 8.10
N LEU A 82 -14.99 -1.89 7.66
CA LEU A 82 -14.38 -1.82 6.33
C LEU A 82 -15.37 -1.63 5.20
N LYS A 83 -16.52 -2.29 5.32
CA LYS A 83 -17.53 -2.31 4.27
C LYS A 83 -18.41 -1.08 4.39
N LYS A 84 -18.46 -0.48 5.57
CA LYS A 84 -19.25 0.73 5.73
C LYS A 84 -18.41 1.97 5.41
N HIS A 85 -17.18 1.75 4.94
CA HIS A 85 -16.19 2.81 4.63
C HIS A 85 -15.40 2.57 3.34
N ASN A 86 -15.67 1.50 2.59
CA ASN A 86 -14.96 1.27 1.34
C ASN A 86 -15.19 2.61 0.72
N ASP A 87 -14.15 3.38 0.48
CA ASP A 87 -14.32 4.75 0.03
C ASP A 87 -13.32 5.69 0.71
N ASP A 88 -13.23 5.56 2.03
CA ASP A 88 -12.40 6.39 2.89
C ASP A 88 -11.01 5.74 3.08
N PHE A 89 -9.98 6.49 2.70
CA PHE A 89 -8.60 6.02 2.79
C PHE A 89 -8.14 5.94 4.24
N GLU A 90 -8.70 6.79 5.08
CA GLU A 90 -8.26 6.85 6.46
C GLU A 90 -8.56 5.54 7.22
N MET A 91 -9.81 5.08 7.22
CA MET A 91 -10.16 3.90 7.98
C MET A 91 -9.44 2.65 7.52
N THR A 92 -9.43 2.44 6.23
CA THR A 92 -8.75 1.31 5.66
C THR A 92 -7.33 1.40 6.13
N SER A 93 -6.69 2.52 5.86
CA SER A 93 -5.34 2.77 6.38
C SER A 93 -5.26 2.40 7.89
N PHE A 94 -6.15 2.97 8.68
CA PHE A 94 -6.23 2.66 10.09
C PHE A 94 -6.34 1.18 10.40
N TRP A 95 -7.36 0.52 9.84
CA TRP A 95 -7.66 -0.87 10.23
C TRP A 95 -6.70 -1.87 9.59
N LEU A 96 -6.04 -1.41 8.51
CA LEU A 96 -4.92 -2.15 7.91
C LEU A 96 -3.75 -2.23 8.85
N SER A 97 -3.26 -1.09 9.37
CA SER A 97 -2.13 -1.15 10.29
C SER A 97 -2.53 -1.85 11.59
N ASN A 98 -3.72 -1.58 12.11
CA ASN A 98 -4.14 -2.23 13.34
C ASN A 98 -4.11 -3.74 13.22
N THR A 99 -4.87 -4.27 12.24
CA THR A 99 -4.87 -5.68 11.85
C THR A 99 -3.46 -6.14 11.83
N CYS A 100 -2.62 -5.41 11.10
CA CYS A 100 -1.25 -5.83 10.94
C CYS A 100 -0.51 -5.90 12.23
N ARG A 101 -0.84 -5.03 13.17
CA ARG A 101 -0.13 -5.03 14.43
C ARG A 101 -0.67 -6.14 15.25
N LEU A 102 -1.99 -6.39 15.18
CA LEU A 102 -2.53 -7.43 16.01
C LEU A 102 -1.85 -8.71 15.58
N LEU A 103 -1.45 -8.76 14.31
CA LEU A 103 -0.78 -9.93 13.76
C LEU A 103 0.67 -9.97 14.20
N HIS A 104 1.30 -8.81 14.30
CA HIS A 104 2.69 -8.69 14.75
C HIS A 104 2.77 -9.11 16.19
N CYS A 105 1.75 -8.78 16.98
CA CYS A 105 1.71 -9.13 18.40
C CYS A 105 1.56 -10.64 18.60
N LEU A 106 0.72 -11.28 17.80
CA LEU A 106 0.55 -12.73 17.84
C LEU A 106 1.84 -13.43 17.47
N LYS A 107 2.56 -12.89 16.50
CA LYS A 107 3.81 -13.48 16.08
C LYS A 107 4.86 -13.22 17.19
N GLN A 108 4.88 -11.96 17.64
CA GLN A 108 5.84 -11.45 18.63
C GLN A 108 5.68 -12.08 19.99
N TYR A 109 4.45 -12.44 20.35
CA TYR A 109 4.25 -12.95 21.68
C TYR A 109 3.84 -14.39 21.80
N SER A 110 3.07 -14.93 20.88
CA SER A 110 2.67 -16.31 21.10
C SER A 110 3.83 -17.05 20.46
N GLY A 111 4.63 -16.34 19.66
CA GLY A 111 5.58 -17.01 18.82
C GLY A 111 6.52 -17.87 19.65
N ASP A 112 7.32 -18.62 18.93
CA ASP A 112 8.41 -19.34 19.51
C ASP A 112 9.75 -18.62 19.33
N GLU A 113 10.80 -19.32 19.72
CA GLU A 113 12.17 -18.84 19.58
C GLU A 113 12.43 -18.22 18.22
N GLY A 114 11.64 -18.61 17.24
CA GLY A 114 11.79 -18.04 15.90
C GLY A 114 11.52 -16.55 15.84
N PHE A 115 10.59 -16.05 16.65
CA PHE A 115 10.19 -14.63 16.66
C PHE A 115 10.57 -13.96 17.97
N MET A 116 11.22 -14.72 18.84
CA MET A 116 11.63 -14.25 20.13
C MET A 116 13.09 -13.86 20.03
N THR A 117 13.57 -13.50 18.83
CA THR A 117 15.00 -13.20 18.67
C THR A 117 15.23 -11.74 18.91
N GLN A 118 14.20 -11.03 19.33
CA GLN A 118 14.31 -9.57 19.41
C GLN A 118 13.50 -9.00 20.57
N ASN A 119 13.19 -9.88 21.53
CA ASN A 119 12.34 -9.51 22.65
C ASN A 119 13.10 -9.35 23.95
N THR A 120 12.75 -8.34 24.73
CA THR A 120 13.33 -8.20 26.07
C THR A 120 12.72 -9.24 26.98
N ALA A 121 13.42 -9.61 28.06
CA ALA A 121 12.92 -10.68 28.92
C ALA A 121 11.50 -10.34 29.26
N LYS A 122 11.29 -9.06 29.53
CA LYS A 122 9.99 -8.57 29.95
C LYS A 122 8.94 -8.83 28.86
N GLN A 123 9.39 -8.85 27.61
CA GLN A 123 8.57 -9.23 26.47
C GLN A 123 8.39 -10.75 26.42
N ASN A 124 9.45 -11.52 26.66
CA ASN A 124 9.35 -12.98 26.63
C ASN A 124 8.67 -13.51 27.87
N GLU A 125 8.13 -12.60 28.65
CA GLU A 125 7.41 -12.96 29.85
C GLU A 125 5.93 -12.76 29.60
N HIS A 126 5.67 -11.94 28.59
CA HIS A 126 4.34 -11.43 28.23
C HIS A 126 3.63 -12.24 27.19
N CYS A 127 4.28 -13.31 26.80
CA CYS A 127 3.84 -14.11 25.69
C CYS A 127 2.74 -15.09 26.13
N LEU A 128 2.10 -15.73 25.15
CA LEU A 128 1.06 -16.70 25.40
C LEU A 128 1.72 -18.01 25.81
N LYS A 129 1.22 -18.62 26.89
CA LYS A 129 1.77 -19.90 27.42
C LYS A 129 0.91 -21.12 27.10
N ASN A 130 -0.40 -20.94 27.00
CA ASN A 130 -1.33 -22.08 26.83
C ASN A 130 -1.97 -22.29 25.41
N PHE A 131 -1.75 -21.42 24.43
CA PHE A 131 -2.39 -21.62 23.14
C PHE A 131 -1.43 -21.46 22.02
N ASP A 132 -1.66 -22.19 20.94
CA ASP A 132 -0.94 -21.94 19.73
C ASP A 132 -1.89 -21.34 18.74
N LEU A 133 -1.73 -20.06 18.45
CA LEU A 133 -2.75 -19.40 17.63
C LEU A 133 -2.30 -19.12 16.19
N THR A 134 -1.50 -20.04 15.65
CA THR A 134 -1.11 -19.99 14.25
C THR A 134 -2.30 -20.03 13.23
N GLU A 135 -3.41 -20.68 13.56
CA GLU A 135 -4.56 -20.68 12.66
C GLU A 135 -5.14 -19.27 12.48
N TYR A 136 -5.33 -18.51 13.57
CA TYR A 136 -5.83 -17.14 13.48
C TYR A 136 -4.77 -16.23 12.87
N ARG A 137 -3.50 -16.63 13.01
CA ARG A 137 -2.42 -15.86 12.43
C ARG A 137 -2.49 -15.90 10.91
N GLN A 138 -2.98 -17.02 10.40
CA GLN A 138 -3.07 -17.20 8.94
C GLN A 138 -4.33 -16.49 8.44
N VAL A 139 -5.36 -16.43 9.28
CA VAL A 139 -6.61 -15.75 8.94
C VAL A 139 -6.44 -14.23 8.88
N LEU A 140 -5.83 -13.66 9.94
CA LEU A 140 -5.54 -12.21 10.03
C LEU A 140 -4.64 -11.77 8.88
N SER A 141 -3.65 -12.54 8.50
CA SER A 141 -2.85 -12.10 7.40
C SER A 141 -3.70 -12.12 6.11
N ASP A 142 -4.52 -13.17 5.92
CA ASP A 142 -5.45 -13.27 4.73
C ASP A 142 -6.33 -12.04 4.65
N LEU A 143 -7.02 -11.74 5.76
CA LEU A 143 -7.69 -10.45 5.91
C LEU A 143 -6.83 -9.26 5.53
N SER A 144 -5.65 -9.08 6.09
CA SER A 144 -4.97 -7.83 5.85
C SER A 144 -4.44 -7.78 4.43
N ILE A 145 -4.44 -8.91 3.74
CA ILE A 145 -4.21 -8.85 2.28
C ILE A 145 -5.41 -8.20 1.58
N GLN A 146 -6.61 -8.54 2.05
CA GLN A 146 -7.87 -7.96 1.56
C GLN A 146 -7.98 -6.46 1.91
N ILE A 147 -7.47 -6.02 3.07
CA ILE A 147 -7.65 -4.61 3.47
C ILE A 147 -6.75 -3.77 2.59
N TYR A 148 -5.57 -4.31 2.34
CA TYR A 148 -4.58 -3.67 1.47
C TYR A 148 -5.16 -3.47 0.07
N GLN A 149 -5.71 -4.55 -0.47
CA GLN A 149 -6.36 -4.48 -1.75
C GLN A 149 -7.39 -3.33 -1.75
N GLN A 150 -8.14 -3.16 -0.65
CA GLN A 150 -9.21 -2.17 -0.58
C GLN A 150 -8.60 -0.82 -0.64
N LEU A 151 -7.43 -0.71 0.00
CA LEU A 151 -6.70 0.56 0.13
C LEU A 151 -6.18 1.01 -1.23
N ILE A 152 -5.61 0.09 -1.98
CA ILE A 152 -5.32 0.32 -3.38
C ILE A 152 -6.54 0.66 -4.23
N LYS A 153 -7.68 0.07 -3.93
CA LYS A 153 -8.88 0.42 -4.68
C LYS A 153 -9.26 1.88 -4.39
N ILE A 154 -9.13 2.34 -3.14
CA ILE A 154 -9.54 3.71 -2.84
C ILE A 154 -8.57 4.66 -3.54
N ALA A 155 -7.28 4.44 -3.29
CA ALA A 155 -6.22 5.28 -3.86
C ALA A 155 -6.32 5.34 -5.36
N GLU A 156 -6.65 4.25 -6.00
CA GLU A 156 -6.83 4.23 -7.43
C GLU A 156 -8.00 5.10 -7.81
N GLY A 157 -9.06 5.04 -7.03
CA GLY A 157 -10.24 5.82 -7.31
C GLY A 157 -9.92 7.29 -7.27
N VAL A 158 -9.17 7.69 -6.27
CA VAL A 158 -8.81 9.10 -6.09
C VAL A 158 -7.94 9.66 -7.27
N LEU A 159 -6.95 8.87 -7.69
CA LEU A 159 -5.93 9.24 -8.67
C LEU A 159 -6.31 9.04 -10.14
N GLN A 160 -7.10 8.03 -10.46
CA GLN A 160 -7.48 7.73 -11.83
C GLN A 160 -7.85 8.98 -12.60
N PRO A 161 -8.71 9.85 -12.02
CA PRO A 161 -9.13 11.05 -12.76
C PRO A 161 -8.16 12.23 -12.68
N MET A 162 -6.91 11.98 -12.34
CA MET A 162 -5.92 13.03 -12.16
C MET A 162 -4.67 12.76 -12.97
N ILE A 163 -4.51 11.50 -13.39
CA ILE A 163 -3.28 11.01 -14.02
C ILE A 163 -3.16 11.60 -15.43
N VAL A 164 -4.21 11.44 -16.20
CA VAL A 164 -4.14 11.88 -17.59
C VAL A 164 -4.13 13.39 -17.73
N SER A 165 -4.57 14.08 -16.68
CA SER A 165 -4.72 15.53 -16.69
C SER A 165 -3.47 16.18 -16.14
N ALA A 166 -3.09 15.76 -14.94
CA ALA A 166 -1.90 16.29 -14.27
C ALA A 166 -0.70 15.96 -15.13
N MET A 167 -0.75 14.88 -15.85
CA MET A 167 0.27 14.62 -16.84
C MET A 167 -0.33 14.81 -18.18
N LEU A 168 0.48 14.78 -19.22
CA LEU A 168 -0.06 14.93 -20.58
C LEU A 168 -0.76 16.27 -20.99
N GLU A 169 -1.47 16.95 -20.10
CA GLU A 169 -1.92 18.34 -20.35
C GLU A 169 -0.99 19.41 -19.81
N ASN A 170 -1.09 20.61 -20.39
CA ASN A 170 -0.22 21.73 -20.03
C ASN A 170 -1.09 22.89 -19.53
N GLU A 171 -0.59 23.61 -18.52
CA GLU A 171 -1.32 24.73 -17.90
C GLU A 171 -0.55 25.34 -16.75
N SER A 197 -9.23 20.03 -13.86
CA SER A 197 -8.35 21.07 -13.30
C SER A 197 -7.29 20.50 -12.36
N TYR A 198 -6.39 19.67 -12.90
CA TYR A 198 -5.39 18.96 -12.07
C TYR A 198 -3.98 19.17 -12.64
N CYS A 199 -2.98 19.34 -11.77
CA CYS A 199 -1.60 19.55 -12.20
C CYS A 199 -0.68 18.71 -11.36
N LEU A 200 0.50 18.40 -11.87
CA LEU A 200 1.43 17.56 -11.15
C LEU A 200 1.47 17.95 -9.65
N GLU A 201 1.14 19.20 -9.34
CA GLU A 201 0.99 19.65 -7.96
C GLU A 201 -0.14 18.87 -7.25
N ALA A 202 -1.28 18.70 -7.88
CA ALA A 202 -2.42 17.99 -7.26
C ALA A 202 -2.04 16.57 -6.95
N ILE A 203 -1.35 15.94 -7.90
CA ILE A 203 -0.93 14.54 -7.79
C ILE A 203 0.07 14.43 -6.69
N ILE A 204 0.96 15.38 -6.64
CA ILE A 204 1.98 15.33 -5.64
C ILE A 204 1.37 15.69 -4.28
N ARG A 205 0.35 16.55 -4.26
CA ARG A 205 -0.32 16.87 -3.00
C ARG A 205 -1.07 15.65 -2.51
N GLN A 206 -1.55 14.84 -3.46
CA GLN A 206 -2.30 13.66 -3.11
C GLN A 206 -1.35 12.63 -2.50
N MET A 207 -0.23 12.39 -3.17
CA MET A 207 0.77 11.47 -2.70
C MET A 207 1.24 11.81 -1.30
N ASN A 208 1.26 13.09 -0.92
CA ASN A 208 1.62 13.47 0.44
C ASN A 208 0.50 13.09 1.40
N ALA A 209 -0.74 13.35 0.98
CA ALA A 209 -1.91 13.13 1.79
C ALA A 209 -1.95 11.66 2.19
N PHE A 210 -1.90 10.81 1.18
CA PHE A 210 -1.81 9.36 1.35
C PHE A 210 -0.67 8.97 2.31
N HIS A 211 0.51 9.51 2.09
CA HIS A 211 1.67 9.23 2.93
C HIS A 211 1.48 9.71 4.34
N THR A 212 0.87 10.89 4.46
CA THR A 212 0.73 11.50 5.76
C THR A 212 -0.15 10.58 6.57
N VAL A 213 -1.33 10.25 6.05
CA VAL A 213 -2.31 9.45 6.79
C VAL A 213 -1.66 8.14 7.16
N MET A 214 -1.04 7.47 6.20
CA MET A 214 -0.43 6.18 6.47
C MET A 214 0.59 6.25 7.58
N CYS A 215 1.46 7.23 7.55
CA CYS A 215 2.47 7.35 8.61
C CYS A 215 1.81 7.64 9.96
N ASP A 216 0.92 8.63 10.01
CA ASP A 216 0.20 8.93 11.23
C ASP A 216 -0.53 7.70 11.79
N GLN A 217 -0.99 6.80 10.93
CA GLN A 217 -1.71 5.58 11.35
C GLN A 217 -0.77 4.51 11.92
N GLY A 218 0.53 4.70 11.78
CA GLY A 218 1.50 3.77 12.33
C GLY A 218 1.78 2.60 11.42
N LEU A 219 1.31 2.68 10.19
CA LEU A 219 1.41 1.60 9.22
C LEU A 219 2.86 1.30 8.92
N ASP A 220 3.22 0.02 8.78
CA ASP A 220 4.62 -0.36 8.71
C ASP A 220 5.28 0.32 7.50
N PRO A 221 6.56 0.71 7.62
CA PRO A 221 7.20 1.37 6.49
C PRO A 221 7.39 0.49 5.25
N GLU A 222 7.34 -0.84 5.36
CA GLU A 222 7.45 -1.66 4.15
C GLU A 222 6.09 -1.74 3.41
N ILE A 223 4.98 -1.51 4.10
CA ILE A 223 3.68 -1.46 3.42
C ILE A 223 3.49 -0.12 2.76
N ILE A 224 4.01 0.92 3.38
CA ILE A 224 3.98 2.26 2.79
C ILE A 224 4.79 2.25 1.49
N LEU A 225 5.95 1.63 1.54
CA LEU A 225 6.76 1.47 0.36
C LEU A 225 6.09 0.68 -0.72
N GLN A 226 5.28 -0.32 -0.36
CA GLN A 226 4.58 -1.22 -1.31
C GLN A 226 3.36 -0.57 -1.95
N VAL A 227 2.71 0.30 -1.19
CA VAL A 227 1.64 1.14 -1.69
C VAL A 227 2.15 2.08 -2.78
N PHE A 228 3.17 2.87 -2.50
CA PHE A 228 3.61 3.83 -3.50
C PHE A 228 4.24 3.20 -4.74
N LYS A 229 4.62 1.92 -4.65
CA LYS A 229 5.07 1.22 -5.82
C LYS A 229 3.86 0.85 -6.65
N GLN A 230 2.72 0.67 -5.99
CA GLN A 230 1.51 0.27 -6.74
C GLN A 230 1.03 1.48 -7.48
N LEU A 231 0.75 2.53 -6.72
CA LEU A 231 0.27 3.81 -7.24
C LEU A 231 1.12 4.32 -8.39
N PHE A 232 2.43 4.39 -8.24
CA PHE A 232 3.25 4.81 -9.36
C PHE A 232 3.12 3.92 -10.56
N TYR A 233 2.93 2.60 -10.38
CA TYR A 233 2.74 1.71 -11.52
C TYR A 233 1.47 2.10 -12.23
N MET A 234 0.45 2.47 -11.51
CA MET A 234 -0.79 2.88 -12.15
C MET A 234 -0.60 4.13 -13.03
N ILE A 235 0.01 5.14 -12.43
CA ILE A 235 0.41 6.35 -13.12
C ILE A 235 1.20 6.06 -14.39
N ASN A 236 2.10 5.10 -14.37
CA ASN A 236 2.78 4.68 -15.60
C ASN A 236 1.84 4.01 -16.58
N ALA A 237 0.98 3.14 -16.07
CA ALA A 237 0.13 2.38 -16.95
C ALA A 237 -0.97 3.20 -17.58
N VAL A 238 -1.57 4.06 -16.77
CA VAL A 238 -2.71 4.84 -17.25
C VAL A 238 -2.27 5.87 -18.25
N THR A 239 -1.15 6.57 -17.98
CA THR A 239 -0.55 7.55 -18.89
C THR A 239 -0.04 6.94 -20.17
N LEU A 240 0.74 5.89 -20.09
CA LEU A 240 1.25 5.29 -21.30
C LEU A 240 0.09 4.71 -22.13
N ASN A 241 -0.94 4.16 -21.47
CA ASN A 241 -2.12 3.70 -22.17
C ASN A 241 -2.64 4.84 -23.03
N ASN A 242 -2.93 5.97 -22.39
CA ASN A 242 -3.41 7.16 -23.08
C ASN A 242 -2.52 7.62 -24.22
N LEU A 243 -1.23 7.67 -24.09
CA LEU A 243 -0.56 8.21 -25.24
C LEU A 243 -0.39 7.16 -26.28
N LEU A 244 -1.20 6.13 -26.24
CA LEU A 244 -1.18 5.08 -27.24
C LEU A 244 -2.58 5.02 -27.79
N LEU A 245 -3.26 6.19 -27.91
CA LEU A 245 -4.69 6.20 -28.05
C LEU A 245 -5.28 7.58 -28.28
N ARG A 246 -4.85 8.51 -27.46
CA ARG A 246 -5.51 9.79 -27.26
C ARG A 246 -5.77 10.67 -28.48
N LYS A 247 -5.05 11.79 -28.51
CA LYS A 247 -5.19 12.85 -29.56
C LYS A 247 -3.65 13.08 -29.68
N ASP A 248 -3.04 12.53 -30.75
CA ASP A 248 -3.34 11.09 -30.88
C ASP A 248 -2.34 10.24 -30.06
N VAL A 249 -1.05 10.66 -30.07
CA VAL A 249 0.01 10.26 -29.08
C VAL A 249 0.72 11.49 -28.55
N CYS A 250 0.51 12.62 -29.19
CA CYS A 250 1.10 13.86 -28.69
C CYS A 250 2.61 13.91 -29.05
N SER A 251 3.29 14.95 -28.60
CA SER A 251 4.45 15.46 -29.29
C SER A 251 5.75 15.65 -28.48
N TRP A 252 6.79 16.16 -29.13
CA TRP A 252 8.01 16.56 -28.45
C TRP A 252 7.72 17.36 -27.19
N SER A 253 6.71 18.21 -27.25
CA SER A 253 6.26 18.98 -26.09
C SER A 253 5.89 18.02 -24.96
N THR A 254 5.01 17.07 -25.30
CA THR A 254 4.45 16.08 -24.35
C THR A 254 5.51 15.09 -23.86
N GLY A 255 6.54 14.85 -24.66
CA GLY A 255 7.71 14.10 -24.21
C GLY A 255 8.40 14.85 -23.08
N MET A 256 8.55 16.16 -23.23
CA MET A 256 9.25 16.95 -22.23
C MET A 256 8.51 17.21 -20.91
N GLN A 257 7.18 17.24 -20.92
CA GLN A 257 6.43 17.37 -19.67
C GLN A 257 6.46 16.07 -18.88
N LEU A 258 6.51 14.94 -19.58
CA LEU A 258 6.51 13.67 -18.88
C LEU A 258 7.83 13.54 -18.14
N ARG A 259 8.94 13.77 -18.85
CA ARG A 259 10.26 13.58 -18.26
C ARG A 259 10.44 14.48 -17.05
N TYR A 260 9.91 15.70 -17.16
CA TYR A 260 9.86 16.62 -16.03
C TYR A 260 8.95 16.08 -14.96
N ASN A 261 7.76 15.63 -15.35
CA ASN A 261 6.84 15.09 -14.36
C ASN A 261 7.44 13.92 -13.61
N ILE A 262 7.91 12.90 -14.32
CA ILE A 262 8.52 11.73 -13.69
C ILE A 262 9.62 12.10 -12.68
N SER A 263 10.50 13.02 -13.08
CA SER A 263 11.63 13.50 -12.28
C SER A 263 11.21 14.31 -11.06
N GLN A 264 10.07 14.96 -11.15
CA GLN A 264 9.46 15.61 -9.99
C GLN A 264 8.81 14.57 -9.03
N LEU A 265 8.16 13.54 -9.63
CA LEU A 265 7.69 12.33 -8.89
C LEU A 265 8.89 11.61 -8.25
N GLU A 266 9.97 11.46 -9.02
CA GLU A 266 11.18 10.85 -8.52
C GLU A 266 11.85 11.69 -7.47
N GLU A 267 11.80 13.01 -7.59
CA GLU A 267 12.40 13.81 -6.52
C GLU A 267 11.45 13.79 -5.33
N TRP A 268 10.15 13.63 -5.56
CA TRP A 268 9.25 13.54 -4.43
C TRP A 268 9.60 12.27 -3.63
N LEU A 269 9.88 11.18 -4.33
CA LEU A 269 10.23 9.93 -3.67
C LEU A 269 11.50 10.12 -2.86
N ARG A 270 12.52 10.76 -3.43
CA ARG A 270 13.80 10.89 -2.74
C ARG A 270 13.63 11.72 -1.44
N GLY A 271 12.71 12.67 -1.46
CA GLY A 271 12.45 13.54 -0.33
C GLY A 271 11.70 12.89 0.80
N ARG A 272 10.76 12.00 0.52
CA ARG A 272 10.09 11.29 1.60
C ARG A 272 10.86 9.99 1.94
N ASN A 273 12.00 9.80 1.28
CA ASN A 273 12.86 8.61 1.41
C ASN A 273 12.15 7.31 1.02
N LEU A 274 11.55 7.36 -0.18
CA LEU A 274 10.76 6.26 -0.71
C LEU A 274 11.33 5.81 -2.07
N HIS A 275 12.56 6.16 -2.38
CA HIS A 275 13.13 5.74 -3.66
C HIS A 275 13.34 4.24 -3.70
N GLN A 276 13.72 3.65 -2.57
CA GLN A 276 13.95 2.19 -2.46
C GLN A 276 12.66 1.36 -2.52
N SER A 277 11.52 2.00 -2.76
CA SER A 277 10.24 1.32 -3.00
C SER A 277 10.05 0.64 -4.37
N GLY A 278 10.92 0.93 -5.33
CA GLY A 278 10.87 0.27 -6.62
C GLY A 278 9.91 0.95 -7.56
N ALA A 279 9.35 2.07 -7.12
CA ALA A 279 8.32 2.82 -7.82
C ALA A 279 8.81 3.57 -9.02
N VAL A 280 10.08 3.95 -9.07
CA VAL A 280 10.60 4.62 -10.26
C VAL A 280 10.92 3.61 -11.35
N GLN A 281 11.04 2.37 -10.94
CA GLN A 281 11.32 1.33 -11.85
C GLN A 281 10.01 1.09 -12.57
N THR A 282 8.91 1.24 -11.86
CA THR A 282 7.63 0.86 -12.44
C THR A 282 7.17 1.82 -13.50
N MET A 283 8.04 2.76 -13.86
CA MET A 283 7.75 3.74 -14.88
C MET A 283 8.74 3.73 -16.03
N GLU A 284 9.51 2.66 -16.19
CA GLU A 284 10.49 2.71 -17.26
C GLU A 284 9.84 2.70 -18.66
N PRO A 285 8.62 2.16 -18.80
CA PRO A 285 8.08 2.28 -20.16
C PRO A 285 7.72 3.70 -20.50
N LEU A 286 7.14 4.45 -19.56
CA LEU A 286 6.78 5.84 -19.79
C LEU A 286 8.04 6.70 -19.97
N ILE A 287 9.07 6.53 -19.12
CA ILE A 287 10.34 7.20 -19.30
C ILE A 287 10.88 6.95 -20.69
N GLN A 288 10.72 5.74 -21.19
CA GLN A 288 11.14 5.43 -22.55
C GLN A 288 10.17 6.04 -23.61
N ALA A 289 8.87 6.09 -23.34
CA ALA A 289 7.95 6.68 -24.29
C ALA A 289 8.27 8.14 -24.43
N ALA A 290 8.53 8.78 -23.31
CA ALA A 290 8.81 10.18 -23.25
C ALA A 290 10.05 10.40 -24.06
N GLN A 291 11.07 9.60 -23.83
CA GLN A 291 12.28 9.76 -24.60
C GLN A 291 12.05 9.46 -26.07
N LEU A 292 11.16 8.53 -26.36
CA LEU A 292 10.93 8.15 -27.74
C LEU A 292 10.38 9.34 -28.47
N LEU A 293 9.76 10.26 -27.74
CA LEU A 293 9.09 11.34 -28.40
C LEU A 293 10.07 12.45 -28.72
N GLN A 294 11.26 12.41 -28.17
CA GLN A 294 12.16 13.53 -28.33
C GLN A 294 13.32 13.18 -29.19
N LEU A 295 13.73 11.94 -29.03
CA LEU A 295 14.83 11.35 -29.78
C LEU A 295 14.60 11.69 -31.25
N LYS A 296 15.66 11.91 -32.00
CA LYS A 296 15.55 12.28 -33.43
C LYS A 296 15.08 11.09 -34.27
N LYS A 297 14.04 11.29 -35.07
CA LYS A 297 13.53 10.23 -35.92
C LYS A 297 13.70 10.58 -37.40
N LYS A 298 14.72 10.00 -38.03
CA LYS A 298 14.99 10.26 -39.43
C LYS A 298 16.04 9.28 -39.97
N THR A 299 17.30 9.68 -39.91
CA THR A 299 18.39 8.86 -40.42
C THR A 299 18.40 7.49 -39.75
N GLN A 300 19.30 6.62 -40.21
CA GLN A 300 19.42 5.28 -39.66
C GLN A 300 19.98 5.32 -38.24
N GLU A 301 21.05 6.08 -38.05
CA GLU A 301 21.68 6.24 -36.76
C GLU A 301 20.64 6.60 -35.73
N ASP A 302 19.63 7.35 -36.14
CA ASP A 302 18.50 7.64 -35.27
C ASP A 302 17.76 6.35 -34.88
N ALA A 303 17.36 5.56 -35.88
CA ALA A 303 16.61 4.32 -35.65
C ALA A 303 17.36 3.31 -34.74
N GLU A 304 18.67 3.18 -34.95
CA GLU A 304 19.56 2.35 -34.07
C GLU A 304 19.36 2.76 -32.62
N ALA A 305 19.33 4.07 -32.38
CA ALA A 305 19.12 4.53 -31.03
C ALA A 305 17.81 3.96 -30.49
N ILE A 306 16.69 4.28 -31.15
CA ILE A 306 15.36 3.99 -30.63
C ILE A 306 15.29 2.58 -30.05
N CYS A 307 15.94 1.66 -30.78
CA CYS A 307 15.99 0.24 -30.42
C CYS A 307 16.70 -0.02 -29.10
N SER A 308 17.92 0.55 -28.95
CA SER A 308 18.76 0.20 -27.81
C SER A 308 18.22 0.86 -26.57
N LEU A 309 17.60 2.03 -26.73
CA LEU A 309 16.99 2.73 -25.60
C LEU A 309 15.67 2.07 -25.27
N CYS A 310 14.80 1.86 -26.26
CA CYS A 310 13.43 1.40 -25.96
C CYS A 310 13.33 -0.14 -25.84
N THR A 311 13.86 -0.65 -24.71
CA THR A 311 13.96 -2.06 -24.44
C THR A 311 12.74 -2.53 -23.69
N SER A 312 12.22 -1.62 -22.89
CA SER A 312 11.07 -1.87 -22.07
C SER A 312 9.76 -1.68 -22.80
N LEU A 313 9.79 -1.13 -24.00
CA LEU A 313 8.56 -1.01 -24.79
C LEU A 313 8.48 -2.20 -25.75
N SER A 314 7.26 -2.57 -26.17
CA SER A 314 7.08 -3.59 -27.19
C SER A 314 7.07 -2.95 -28.60
N THR A 315 7.74 -3.63 -29.50
CA THR A 315 7.86 -3.21 -30.89
C THR A 315 6.59 -2.68 -31.53
N GLN A 316 5.42 -3.05 -31.04
CA GLN A 316 4.23 -2.46 -31.60
C GLN A 316 3.92 -1.23 -30.82
N GLN A 317 4.35 -1.13 -29.58
CA GLN A 317 4.11 0.09 -28.87
C GLN A 317 4.97 1.21 -29.46
N ILE A 318 6.25 0.92 -29.79
CA ILE A 318 7.13 1.92 -30.41
C ILE A 318 6.49 2.36 -31.72
N VAL A 319 6.27 1.42 -32.65
CA VAL A 319 5.72 1.72 -33.97
C VAL A 319 4.47 2.55 -33.77
N LYS A 320 3.64 2.23 -32.78
CA LYS A 320 2.40 3.00 -32.61
C LYS A 320 2.75 4.44 -32.28
N ILE A 321 3.63 4.60 -31.29
CA ILE A 321 3.99 5.93 -30.83
C ILE A 321 4.68 6.65 -31.96
N LEU A 322 5.29 5.90 -32.88
CA LEU A 322 5.84 6.54 -34.05
C LEU A 322 4.71 7.04 -34.92
N ASN A 323 3.77 6.18 -35.28
CA ASN A 323 2.74 6.60 -36.23
C ASN A 323 1.90 7.74 -35.69
N LEU A 324 1.72 7.77 -34.39
CA LEU A 324 0.82 8.72 -33.83
C LEU A 324 1.50 10.09 -33.76
N TYR A 325 2.81 10.14 -33.99
CA TYR A 325 3.59 11.36 -33.71
C TYR A 325 3.01 12.55 -34.51
N THR A 326 3.23 13.77 -34.03
CA THR A 326 2.72 14.97 -34.66
C THR A 326 3.61 16.17 -34.43
N PRO A 327 4.24 16.70 -35.48
CA PRO A 327 5.13 17.82 -35.17
C PRO A 327 4.44 19.18 -35.33
N VAL A 335 6.85 11.07 -38.94
CA VAL A 335 7.66 9.85 -39.02
C VAL A 335 7.20 9.11 -40.25
N THR A 336 8.12 8.57 -41.00
CA THR A 336 7.79 7.92 -42.24
C THR A 336 7.81 6.44 -42.12
N VAL A 337 7.06 5.80 -42.99
CA VAL A 337 7.19 4.37 -43.21
C VAL A 337 8.61 4.22 -43.71
N ALA A 338 9.14 3.02 -43.63
CA ALA A 338 10.54 2.75 -43.98
C ALA A 338 11.50 3.36 -42.97
N PHE A 339 10.96 4.12 -42.05
CA PHE A 339 11.74 4.53 -40.90
C PHE A 339 11.16 3.64 -39.85
N ILE A 340 9.93 3.22 -40.11
CA ILE A 340 9.25 2.29 -39.27
C ILE A 340 9.67 0.94 -39.71
N ARG A 341 9.85 0.73 -41.01
CA ARG A 341 10.17 -0.61 -41.47
C ARG A 341 11.51 -1.02 -40.90
N THR A 342 12.48 -0.11 -40.91
CA THR A 342 13.81 -0.47 -40.43
C THR A 342 13.74 -0.86 -38.95
N ILE A 343 12.86 -0.19 -38.22
CA ILE A 343 12.64 -0.46 -36.80
C ILE A 343 12.15 -1.84 -36.59
N GLN A 344 10.96 -2.11 -37.09
CA GLN A 344 10.34 -3.37 -36.80
C GLN A 344 11.21 -4.44 -37.46
N ALA A 345 12.11 -4.04 -38.35
CA ALA A 345 13.00 -5.01 -38.97
C ALA A 345 13.92 -5.62 -37.94
N GLN A 346 14.38 -4.81 -36.97
CA GLN A 346 15.33 -5.32 -36.00
C GLN A 346 14.71 -6.00 -34.83
N LEU A 347 13.74 -5.32 -34.24
CA LEU A 347 13.05 -5.86 -33.10
C LEU A 347 12.17 -6.89 -33.83
N GLN A 348 12.64 -8.12 -33.97
CA GLN A 348 11.81 -9.20 -34.54
C GLN A 348 11.55 -10.09 -33.32
N GLU A 349 10.32 -10.11 -32.80
CA GLU A 349 10.05 -10.83 -31.54
C GLU A 349 11.10 -10.39 -30.49
N ARG A 350 10.97 -9.14 -30.02
CA ARG A 350 11.69 -8.73 -28.81
C ARG A 350 11.08 -7.48 -28.10
N ASN A 351 9.95 -7.68 -27.39
CA ASN A 351 9.06 -8.87 -27.58
C ASN A 351 7.61 -8.46 -27.97
N ASP A 352 7.11 -9.05 -29.06
CA ASP A 352 5.76 -8.79 -29.56
C ASP A 352 5.15 -10.13 -30.15
N PRO A 353 3.83 -10.38 -29.94
CA PRO A 353 3.03 -9.29 -29.36
C PRO A 353 2.88 -9.45 -27.86
N GLN A 354 1.80 -8.85 -27.37
CA GLN A 354 1.31 -9.05 -26.04
C GLN A 354 0.10 -8.11 -26.03
N GLN A 355 -0.86 -8.40 -25.17
CA GLN A 355 -1.98 -7.53 -24.98
C GLN A 355 -1.48 -6.07 -24.83
N LEU A 356 -1.76 -5.16 -25.77
CA LEU A 356 -1.46 -3.71 -25.61
C LEU A 356 -2.32 -3.09 -24.47
N LEU A 357 -2.15 -1.80 -24.08
CA LEU A 357 -3.06 -1.36 -23.00
C LEU A 357 -2.83 -2.02 -21.57
N LEU A 358 -1.59 -2.36 -21.22
CA LEU A 358 -1.22 -2.80 -19.85
C LEU A 358 -2.22 -2.62 -18.68
N ASP A 359 -2.86 -3.68 -18.20
CA ASP A 359 -3.97 -3.45 -17.29
C ASP A 359 -3.41 -2.87 -16.03
N ALA A 360 -3.68 -1.60 -15.80
CA ALA A 360 -3.11 -1.01 -14.63
C ALA A 360 -3.64 -1.58 -13.37
N LYS A 361 -4.75 -2.32 -13.47
CA LYS A 361 -5.28 -2.96 -12.29
C LYS A 361 -4.38 -4.05 -11.71
N HIS A 362 -3.39 -4.49 -12.50
CA HIS A 362 -2.43 -5.47 -12.05
C HIS A 362 -2.05 -5.08 -10.67
N MET A 363 -2.25 -5.94 -9.70
CA MET A 363 -2.04 -5.53 -8.33
C MET A 363 -0.91 -6.36 -7.77
N PHE A 364 0.30 -5.76 -7.69
CA PHE A 364 1.48 -6.52 -7.26
C PHE A 364 1.23 -7.12 -5.89
N PRO A 365 1.88 -8.23 -5.60
CA PRO A 365 1.56 -8.91 -4.36
C PRO A 365 1.98 -8.19 -3.13
N VAL A 366 1.24 -8.31 -2.05
CA VAL A 366 1.64 -7.69 -0.81
C VAL A 366 2.62 -8.64 -0.07
N LEU A 367 3.33 -8.10 0.91
CA LEU A 367 4.27 -8.82 1.77
C LEU A 367 4.44 -8.03 3.06
N PHE A 368 4.08 -8.64 4.20
CA PHE A 368 4.15 -8.03 5.52
C PHE A 368 5.25 -8.62 6.35
N PRO A 369 6.46 -8.07 6.24
CA PRO A 369 7.56 -8.53 7.05
C PRO A 369 7.26 -8.31 8.51
N PHE A 370 7.50 -9.34 9.33
CA PHE A 370 7.27 -9.25 10.75
C PHE A 370 8.07 -8.08 11.24
N ASN A 371 7.52 -7.36 12.20
CA ASN A 371 8.24 -6.24 12.78
C ASN A 371 7.85 -6.04 14.23
N PRO A 372 8.57 -6.71 15.17
CA PRO A 372 8.06 -6.67 16.54
C PRO A 372 8.17 -5.23 16.99
N SER A 373 7.53 -4.88 18.11
CA SER A 373 7.62 -3.51 18.59
C SER A 373 8.25 -3.48 19.97
N SER A 374 8.78 -2.30 20.32
CA SER A 374 9.51 -2.10 21.57
C SER A 374 8.62 -1.76 22.74
N LEU A 375 7.53 -1.07 22.47
CA LEU A 375 6.55 -0.72 23.48
C LEU A 375 6.09 -1.96 24.22
N THR A 376 5.69 -1.83 25.47
CA THR A 376 5.29 -2.99 26.25
C THR A 376 4.02 -2.64 26.90
N MET A 377 3.07 -3.52 26.75
CA MET A 377 1.75 -3.36 27.26
C MET A 377 1.67 -3.09 28.73
N ASP A 378 2.74 -3.43 29.45
CA ASP A 378 2.89 -3.05 30.85
C ASP A 378 2.75 -1.54 31.07
N SER A 379 2.90 -0.74 30.04
CA SER A 379 2.66 0.68 30.18
C SER A 379 2.18 0.99 28.78
N ILE A 380 0.91 1.36 28.76
CA ILE A 380 0.13 1.68 27.56
C ILE A 380 -1.09 2.36 28.10
N HIS A 381 -1.44 3.44 27.45
CA HIS A 381 -2.45 4.32 27.99
C HIS A 381 -3.73 3.97 27.32
N ILE A 382 -4.72 3.60 28.13
CA ILE A 382 -6.09 3.43 27.64
C ILE A 382 -6.99 4.61 28.11
N PRO A 383 -7.23 5.61 27.23
CA PRO A 383 -8.01 6.79 27.61
C PRO A 383 -9.41 6.49 28.14
N ALA A 384 -10.13 7.49 28.60
CA ALA A 384 -11.42 7.23 29.21
C ALA A 384 -12.49 7.60 28.22
N CYS A 385 -12.08 8.45 27.29
CA CYS A 385 -12.91 8.94 26.22
C CYS A 385 -13.54 7.80 25.39
N LEU A 386 -13.19 6.58 25.71
CA LEU A 386 -13.72 5.42 25.00
C LEU A 386 -14.69 4.43 25.63
N ASN A 387 -15.00 4.66 26.89
CA ASN A 387 -15.84 3.74 27.65
C ASN A 387 -15.39 2.31 27.48
N LEU A 388 -14.13 2.07 27.79
CA LEU A 388 -13.60 0.74 28.01
C LEU A 388 -13.28 0.49 29.47
N GLU A 389 -13.84 1.28 30.38
CA GLU A 389 -13.53 1.15 31.82
C GLU A 389 -13.92 -0.21 32.37
N PHE A 390 -15.01 -0.77 31.82
CA PHE A 390 -15.54 -2.08 32.25
C PHE A 390 -14.49 -3.17 32.06
N LEU A 391 -13.35 -2.78 31.49
CA LEU A 391 -12.16 -3.63 31.43
C LEU A 391 -11.34 -3.58 32.72
N ASN A 392 -10.99 -4.77 33.19
CA ASN A 392 -10.25 -4.93 34.42
C ASN A 392 -8.77 -5.16 34.20
N GLU A 393 -7.95 -4.26 34.77
CA GLU A 393 -6.51 -4.19 34.50
C GLU A 393 -5.74 -5.45 34.91
N VAL A 394 -6.20 -6.11 35.99
CA VAL A 394 -5.65 -7.40 36.38
C VAL A 394 -4.14 -7.35 36.68
#